data_3A9E
#
_entry.id   3A9E
#
_cell.length_a   105.300
_cell.length_b   105.300
_cell.length_c   111.338
_cell.angle_alpha   90.00
_cell.angle_beta   90.00
_cell.angle_gamma   90.00
#
_symmetry.space_group_name_H-M   'P 43 21 2'
#
loop_
_entity.id
_entity.type
_entity.pdbx_description
1 polymer 'Retinoic acid receptor RXR-alpha'
2 polymer 'Retinoic acid receptor alpha'
3 polymer '13-mer (LXXLL motif) from Nuclear receptor coactivator 2'
4 non-polymer '(2E,4E,6Z)-3-methyl-7-(5,5,8,8-tetramethyl-3-propoxy-5,6,7,8-tetrahydronaphthalen-2-yl)octa-2,4,6-trienoic acid'
5 non-polymer 'RETINOIC ACID'
6 water water
#
loop_
_entity_poly.entity_id
_entity_poly.type
_entity_poly.pdbx_seq_one_letter_code
_entity_poly.pdbx_strand_id
1 'polypeptide(L)'
;TSSANEDMPVEKILEAELAVEPKTETYVEANMGLNPSSPNDPVTNICQAADKQLFTLVEWAKRIPHFSELPLDDQVILLR
AGWNELLIASFSHRSIAVKDGILLATGLHVHRNSAHSAGVGAIFDRVLTELVSKMRDMQMDKTELGCLRAIVLFNPDSKG
LSNPAEVEALREKVYASLEAYCKHKYPEQPGRFAKLLLRLPALRSIGLKCLEHLFFFKLIGDTPIDTFLMEMLEAPHQAT
;
A
2 'polypeptide(L)'
;MSKESVRNDRNKKKKEVPKPECSESYTLTPEVGELIEKVRKAHQETFPALCQLGKYTTNNSSEQRVSLDIDLWDKFSELS
TKCIIKTVEFAKQLPGFTTLTIADQITLLKAACLDILILRICTRYTPEQDTMTFSDGLTLNRTQMHNAGFGPLTDLVFAF
ANQLLPLEMDDAETGLLSAICLICGDRQDLEQPDRVDMLQEPLLEALKVYVRKRRPSRPHMFPKMLMKITDLRSISAKGA
ERVITLKMEIPGSMPPLIQEMLENSEGLD
;
B
3 'polypeptide(L)' KHKILHRLLQDSS I
#
# COMPACT_ATOMS: atom_id res chain seq x y z
N SER A 3 13.57 4.89 27.70
CA SER A 3 13.11 3.66 27.07
C SER A 3 12.41 3.95 25.74
N ALA A 4 11.76 2.94 25.18
CA ALA A 4 11.05 3.08 23.92
C ALA A 4 9.81 3.95 24.06
N ASN A 5 9.05 3.71 25.12
CA ASN A 5 7.82 4.47 25.37
C ASN A 5 8.12 5.88 25.91
N GLU A 6 9.26 6.03 26.56
CA GLU A 6 9.64 7.32 27.14
C GLU A 6 10.18 8.26 26.07
N ASP A 7 10.21 7.78 24.83
CA ASP A 7 10.70 8.59 23.72
C ASP A 7 9.53 9.09 22.88
N MET A 8 8.43 8.35 22.94
CA MET A 8 7.20 8.72 22.25
C MET A 8 6.03 8.03 22.96
N PRO A 9 5.67 8.52 24.15
CA PRO A 9 4.71 7.88 25.05
C PRO A 9 3.32 7.69 24.43
N VAL A 10 2.80 6.48 24.52
CA VAL A 10 1.46 6.19 24.02
C VAL A 10 0.41 6.87 24.88
N GLU A 11 0.80 7.23 26.10
CA GLU A 11 -0.09 7.95 27.01
C GLU A 11 -0.37 9.36 26.47
N LYS A 12 0.68 10.04 26.05
CA LYS A 12 0.56 11.37 25.46
C LYS A 12 -0.32 11.31 24.21
N ILE A 13 -0.03 10.36 23.34
CA ILE A 13 -0.76 10.21 22.09
C ILE A 13 -2.25 9.96 22.34
N LEU A 14 -2.55 9.19 23.38
CA LEU A 14 -3.93 8.92 23.75
C LEU A 14 -4.64 10.20 24.17
N GLU A 15 -3.91 11.08 24.86
CA GLU A 15 -4.46 12.36 25.27
C GLU A 15 -4.79 13.22 24.05
N ALA A 16 -3.91 13.19 23.06
CA ALA A 16 -4.13 13.94 21.83
C ALA A 16 -5.40 13.47 21.13
N GLU A 17 -5.60 12.16 21.13
CA GLU A 17 -6.75 11.55 20.47
C GLU A 17 -8.05 11.92 21.19
N LEU A 18 -8.00 11.92 22.51
CA LEU A 18 -9.18 12.20 23.33
C LEU A 18 -9.50 13.69 23.39
N ALA A 19 -8.46 14.51 23.26
CA ALA A 19 -8.64 15.95 23.33
C ALA A 19 -9.30 16.53 22.08
N VAL A 20 -9.37 15.72 21.03
CA VAL A 20 -9.94 16.18 19.77
C VAL A 20 -11.27 15.50 19.46
N GLU A 21 -11.71 14.63 20.36
CA GLU A 21 -13.01 13.96 20.19
C GLU A 21 -14.15 14.89 20.56
N PRO A 22 -15.05 15.14 19.60
CA PRO A 22 -16.18 16.07 19.73
C PRO A 22 -17.26 15.57 20.67
N LYS A 23 -18.27 16.40 20.92
CA LYS A 23 -19.40 16.02 21.75
C LYS A 23 -20.68 16.60 21.17
N SER A 38 -30.70 15.35 9.61
CA SER A 38 -29.99 15.23 8.34
C SER A 38 -30.79 15.86 7.20
N PRO A 39 -30.71 17.19 7.07
CA PRO A 39 -31.44 17.95 6.06
C PRO A 39 -30.80 17.86 4.67
N ASN A 40 -29.51 18.13 4.59
CA ASN A 40 -28.81 18.17 3.30
C ASN A 40 -28.34 16.80 2.82
N ASP A 41 -27.81 16.75 1.60
CA ASP A 41 -27.35 15.50 1.01
C ASP A 41 -26.12 14.97 1.76
N PRO A 42 -25.92 13.64 1.71
CA PRO A 42 -24.82 12.97 2.42
C PRO A 42 -23.48 13.67 2.25
N VAL A 43 -23.10 13.93 1.01
CA VAL A 43 -21.79 14.53 0.72
C VAL A 43 -21.58 15.86 1.44
N THR A 44 -22.61 16.71 1.43
CA THR A 44 -22.50 18.03 2.08
C THR A 44 -22.34 17.89 3.58
N ASN A 45 -22.94 16.84 4.15
CA ASN A 45 -22.78 16.55 5.57
C ASN A 45 -21.35 16.12 5.89
N ILE A 46 -20.82 15.24 5.06
CA ILE A 46 -19.44 14.78 5.21
C ILE A 46 -18.49 15.97 5.14
N CYS A 47 -18.70 16.84 4.17
CA CYS A 47 -17.90 18.05 4.02
C CYS A 47 -18.06 18.95 5.23
N GLN A 48 -19.26 18.97 5.80
CA GLN A 48 -19.54 19.79 6.97
C GLN A 48 -18.76 19.29 8.18
N ALA A 49 -18.73 17.97 8.34
CA ALA A 49 -18.00 17.35 9.44
C ALA A 49 -16.49 17.43 9.21
N ALA A 50 -16.09 17.38 7.94
CA ALA A 50 -14.68 17.46 7.57
C ALA A 50 -14.09 18.81 7.97
N ASP A 51 -14.80 19.87 7.60
CA ASP A 51 -14.35 21.23 7.92
C ASP A 51 -14.14 21.40 9.42
N LYS A 52 -15.09 20.89 10.21
CA LYS A 52 -15.02 21.00 11.65
C LYS A 52 -13.73 20.38 12.19
N GLN A 53 -13.43 19.17 11.74
CA GLN A 53 -12.26 18.45 12.24
C GLN A 53 -10.95 19.01 11.71
N LEU A 54 -11.03 19.85 10.68
CA LEU A 54 -9.83 20.54 10.20
C LEU A 54 -9.42 21.63 11.17
N PHE A 55 -10.40 22.25 11.81
CA PHE A 55 -10.15 23.27 12.81
C PHE A 55 -9.38 22.71 14.00
N THR A 56 -9.64 21.44 14.31
CA THR A 56 -9.06 20.80 15.49
C THR A 56 -7.77 20.05 15.17
N LEU A 57 -7.59 19.67 13.91
CA LEU A 57 -6.45 18.85 13.49
C LEU A 57 -5.11 19.41 13.93
N VAL A 58 -4.96 20.73 13.84
CA VAL A 58 -3.72 21.38 14.22
C VAL A 58 -3.44 21.22 15.70
N GLU A 59 -4.48 21.37 16.52
CA GLU A 59 -4.35 21.22 17.96
C GLU A 59 -4.01 19.79 18.34
N TRP A 60 -4.41 18.84 17.49
CA TRP A 60 -4.09 17.43 17.69
C TRP A 60 -2.61 17.18 17.39
N ALA A 61 -2.12 17.77 16.31
CA ALA A 61 -0.74 17.60 15.90
C ALA A 61 0.22 18.13 16.95
N LYS A 62 -0.13 19.27 17.55
CA LYS A 62 0.70 19.88 18.59
C LYS A 62 0.77 18.96 19.82
N ARG A 63 -0.32 18.27 20.10
CA ARG A 63 -0.37 17.37 21.25
C ARG A 63 0.41 16.08 20.99
N ILE A 64 0.85 15.90 19.75
CA ILE A 64 1.69 14.76 19.40
C ILE A 64 3.14 15.07 19.71
N PRO A 65 3.77 14.24 20.56
CA PRO A 65 5.14 14.44 21.02
C PRO A 65 6.13 14.74 19.89
N HIS A 66 6.89 15.81 20.06
CA HIS A 66 7.99 16.16 19.14
C HIS A 66 7.55 16.74 17.81
N PHE A 67 6.26 17.00 17.64
CA PHE A 67 5.77 17.57 16.39
C PHE A 67 6.07 19.06 16.29
N SER A 68 5.82 19.79 17.38
CA SER A 68 6.04 21.23 17.42
C SER A 68 7.52 21.58 17.33
N GLU A 69 8.39 20.59 17.59
CA GLU A 69 9.82 20.81 17.57
C GLU A 69 10.37 20.81 16.15
N LEU A 70 9.52 20.44 15.20
CA LEU A 70 9.90 20.43 13.78
C LEU A 70 9.82 21.83 13.18
N PRO A 71 10.56 22.07 12.09
CA PRO A 71 10.44 23.35 11.37
C PRO A 71 8.99 23.63 10.99
N LEU A 72 8.55 24.87 11.20
CA LEU A 72 7.16 25.23 10.93
C LEU A 72 6.75 24.87 9.51
N ASP A 73 7.70 24.94 8.59
CA ASP A 73 7.43 24.61 7.19
C ASP A 73 7.20 23.12 7.00
N ASP A 74 7.86 22.30 7.81
CA ASP A 74 7.71 20.85 7.73
C ASP A 74 6.41 20.40 8.39
N GLN A 75 6.00 21.12 9.43
CA GLN A 75 4.71 20.85 10.07
C GLN A 75 3.59 21.09 9.07
N VAL A 76 3.64 22.23 8.39
CA VAL A 76 2.67 22.55 7.35
C VAL A 76 2.60 21.44 6.32
N ILE A 77 3.76 21.07 5.77
CA ILE A 77 3.84 20.05 4.73
C ILE A 77 3.23 18.73 5.18
N LEU A 78 3.58 18.29 6.39
CA LEU A 78 3.04 17.04 6.92
C LEU A 78 1.52 17.08 7.02
N LEU A 79 0.99 18.18 7.55
CA LEU A 79 -0.46 18.33 7.68
C LEU A 79 -1.16 18.44 6.32
N ARG A 80 -0.51 19.13 5.38
CA ARG A 80 -1.05 19.23 4.02
C ARG A 80 -1.14 17.86 3.36
N ALA A 81 -0.18 17.00 3.68
CA ALA A 81 -0.06 15.71 3.03
C ALA A 81 -1.01 14.64 3.57
N GLY A 82 -1.29 14.69 4.87
CA GLY A 82 -2.02 13.62 5.51
C GLY A 82 -3.35 13.96 6.15
N TRP A 83 -3.82 15.18 5.96
CA TRP A 83 -5.07 15.60 6.60
C TRP A 83 -6.25 14.69 6.25
N ASN A 84 -6.29 14.23 5.00
CA ASN A 84 -7.37 13.35 4.55
C ASN A 84 -7.34 11.97 5.21
N GLU A 85 -6.20 11.29 5.15
CA GLU A 85 -6.06 9.97 5.78
C GLU A 85 -6.25 10.05 7.28
N LEU A 86 -5.76 11.13 7.89
CA LEU A 86 -5.87 11.32 9.33
C LEU A 86 -7.33 11.36 9.78
N LEU A 87 -8.14 12.15 9.07
CA LEU A 87 -9.55 12.30 9.42
C LEU A 87 -10.33 11.03 9.15
N ILE A 88 -10.10 10.44 7.97
CA ILE A 88 -10.79 9.22 7.58
C ILE A 88 -10.57 8.12 8.62
N ALA A 89 -9.35 8.01 9.11
CA ALA A 89 -9.01 7.03 10.13
C ALA A 89 -9.83 7.26 11.40
N SER A 90 -10.01 8.52 11.76
CA SER A 90 -10.74 8.87 12.98
C SER A 90 -12.20 8.44 12.93
N PHE A 91 -12.95 8.96 11.96
CA PHE A 91 -14.37 8.64 11.87
C PHE A 91 -14.61 7.16 11.58
N SER A 92 -13.65 6.52 10.91
CA SER A 92 -13.72 5.08 10.67
C SER A 92 -13.77 4.32 11.99
N HIS A 93 -12.80 4.58 12.85
CA HIS A 93 -12.74 3.95 14.16
C HIS A 93 -13.92 4.39 15.03
N ARG A 94 -14.36 5.63 14.84
CA ARG A 94 -15.50 6.15 15.58
C ARG A 94 -16.78 5.41 15.19
N SER A 95 -16.78 4.82 14.01
CA SER A 95 -17.96 4.15 13.47
C SER A 95 -17.96 2.65 13.69
N ILE A 96 -17.16 2.20 14.65
CA ILE A 96 -17.02 0.76 14.92
C ILE A 96 -18.36 0.06 15.19
N ALA A 97 -19.14 0.61 16.12
CA ALA A 97 -20.36 -0.05 16.57
C ALA A 97 -21.57 0.24 15.68
N VAL A 98 -21.36 1.04 14.64
CA VAL A 98 -22.45 1.37 13.72
C VAL A 98 -22.54 0.33 12.59
N LYS A 99 -23.77 0.03 12.18
CA LYS A 99 -24.00 -0.99 11.15
C LYS A 99 -24.18 -0.38 9.77
N ASP A 100 -23.29 -0.75 8.84
CA ASP A 100 -23.37 -0.27 7.46
C ASP A 100 -23.52 1.24 7.39
N GLY A 101 -22.62 1.96 8.06
CA GLY A 101 -22.66 3.41 8.06
C GLY A 101 -21.50 4.01 8.83
N ILE A 102 -21.50 5.34 8.96
CA ILE A 102 -20.44 6.02 9.70
C ILE A 102 -21.03 7.13 10.56
N LEU A 103 -20.34 7.43 11.66
CA LEU A 103 -20.76 8.50 12.57
C LEU A 103 -19.88 9.71 12.36
N LEU A 104 -20.49 10.84 11.99
CA LEU A 104 -19.74 12.06 11.73
C LEU A 104 -19.48 12.85 13.01
N ALA A 105 -18.44 13.68 12.98
CA ALA A 105 -18.07 14.51 14.13
C ALA A 105 -19.19 15.48 14.51
N THR A 106 -20.12 15.68 13.59
CA THR A 106 -21.25 16.58 13.83
C THR A 106 -22.36 15.88 14.59
N GLY A 107 -22.21 14.57 14.78
CA GLY A 107 -23.22 13.78 15.47
C GLY A 107 -24.15 13.09 14.50
N LEU A 108 -24.12 13.54 13.24
CA LEU A 108 -24.97 12.96 12.21
C LEU A 108 -24.43 11.64 11.71
N HIS A 109 -25.34 10.79 11.24
CA HIS A 109 -24.97 9.49 10.67
C HIS A 109 -25.09 9.52 9.16
N VAL A 110 -24.33 8.65 8.50
CA VAL A 110 -24.44 8.48 7.06
C VAL A 110 -24.52 6.99 6.74
N HIS A 111 -25.72 6.51 6.46
CA HIS A 111 -25.95 5.09 6.23
C HIS A 111 -25.51 4.66 4.83
N ARG A 112 -25.28 3.36 4.67
CA ARG A 112 -24.75 2.82 3.42
C ARG A 112 -25.59 3.19 2.20
N ASN A 113 -26.89 2.95 2.27
CA ASN A 113 -27.76 3.26 1.14
C ASN A 113 -27.83 4.76 0.82
N SER A 114 -27.55 5.58 1.83
CA SER A 114 -27.55 7.03 1.66
C SER A 114 -26.36 7.45 0.81
N ALA A 115 -25.19 6.90 1.11
CA ALA A 115 -23.98 7.21 0.36
C ALA A 115 -24.12 6.83 -1.10
N HIS A 116 -24.72 5.67 -1.36
CA HIS A 116 -24.92 5.19 -2.72
C HIS A 116 -25.79 6.14 -3.53
N SER A 117 -26.87 6.63 -2.94
CA SER A 117 -27.77 7.55 -3.62
C SER A 117 -27.05 8.82 -4.04
N ALA A 118 -26.05 9.21 -3.25
CA ALA A 118 -25.28 10.41 -3.53
C ALA A 118 -24.17 10.16 -4.55
N GLY A 119 -24.04 8.90 -4.98
CA GLY A 119 -23.09 8.55 -6.01
C GLY A 119 -21.68 8.29 -5.51
N VAL A 120 -21.55 7.90 -4.25
CA VAL A 120 -20.25 7.60 -3.66
C VAL A 120 -20.26 6.29 -2.90
N GLY A 121 -21.11 5.36 -3.34
CA GLY A 121 -21.23 4.07 -2.70
C GLY A 121 -19.98 3.21 -2.82
N ALA A 122 -19.32 3.29 -3.97
CA ALA A 122 -18.12 2.49 -4.22
C ALA A 122 -17.04 2.74 -3.19
N ILE A 123 -16.68 4.01 -2.99
CA ILE A 123 -15.63 4.37 -2.05
C ILE A 123 -16.11 4.26 -0.61
N PHE A 124 -17.40 4.50 -0.39
CA PHE A 124 -17.98 4.40 0.94
C PHE A 124 -17.98 2.95 1.41
N ASP A 125 -18.12 2.02 0.46
CA ASP A 125 -18.08 0.61 0.76
C ASP A 125 -16.68 0.16 1.13
N ARG A 126 -15.68 0.73 0.45
CA ARG A 126 -14.29 0.45 0.78
C ARG A 126 -14.00 0.83 2.22
N VAL A 127 -14.50 1.98 2.64
CA VAL A 127 -14.32 2.46 4.02
C VAL A 127 -14.95 1.49 5.02
N LEU A 128 -16.14 1.00 4.70
CA LEU A 128 -16.87 0.11 5.58
C LEU A 128 -16.18 -1.24 5.74
N THR A 129 -15.77 -1.83 4.62
CA THR A 129 -15.21 -3.18 4.63
C THR A 129 -13.72 -3.22 4.94
N GLU A 130 -12.99 -2.23 4.45
CA GLU A 130 -11.53 -2.24 4.55
C GLU A 130 -11.00 -1.46 5.75
N LEU A 131 -11.79 -0.51 6.26
CA LEU A 131 -11.38 0.29 7.40
C LEU A 131 -12.21 -0.03 8.65
N VAL A 132 -13.48 0.37 8.63
CA VAL A 132 -14.35 0.19 9.78
C VAL A 132 -14.42 -1.26 10.28
N SER A 133 -14.76 -2.17 9.36
CA SER A 133 -14.94 -3.57 9.72
C SER A 133 -13.66 -4.22 10.23
N LYS A 134 -12.54 -3.92 9.58
CA LYS A 134 -11.26 -4.49 9.99
C LYS A 134 -10.87 -3.99 11.37
N MET A 135 -11.15 -2.72 11.64
CA MET A 135 -10.88 -2.14 12.95
C MET A 135 -11.72 -2.82 14.02
N ARG A 136 -12.96 -3.14 13.68
CA ARG A 136 -13.88 -3.78 14.63
C ARG A 136 -13.53 -5.24 14.88
N ASP A 137 -13.16 -5.94 13.81
CA ASP A 137 -12.91 -7.39 13.90
C ASP A 137 -11.59 -7.73 14.60
N MET A 138 -10.79 -6.71 14.91
CA MET A 138 -9.56 -6.93 15.64
C MET A 138 -9.57 -6.15 16.96
N GLN A 139 -10.66 -5.41 17.18
CA GLN A 139 -10.83 -4.64 18.40
C GLN A 139 -9.71 -3.62 18.60
N MET A 140 -9.44 -2.83 17.57
CA MET A 140 -8.45 -1.76 17.65
C MET A 140 -8.88 -0.75 18.72
N ASP A 141 -7.97 -0.45 19.64
CA ASP A 141 -8.27 0.51 20.70
C ASP A 141 -7.80 1.92 20.33
N LYS A 142 -8.27 2.90 21.08
CA LYS A 142 -7.95 4.31 20.80
C LYS A 142 -6.46 4.57 20.74
N THR A 143 -5.70 3.90 21.60
CA THR A 143 -4.26 4.10 21.67
C THR A 143 -3.57 3.65 20.38
N GLU A 144 -3.96 2.47 19.90
CA GLU A 144 -3.42 1.92 18.67
C GLU A 144 -3.79 2.83 17.49
N LEU A 145 -5.01 3.34 17.51
CA LEU A 145 -5.47 4.26 16.48
C LEU A 145 -4.65 5.55 16.51
N GLY A 146 -4.39 6.04 17.72
CA GLY A 146 -3.61 7.25 17.89
C GLY A 146 -2.21 7.11 17.33
N CYS A 147 -1.62 5.93 17.50
CA CYS A 147 -0.28 5.66 17.01
C CYS A 147 -0.26 5.57 15.48
N LEU A 148 -1.29 4.93 14.92
CA LEU A 148 -1.38 4.79 13.47
C LEU A 148 -1.56 6.15 12.81
N ARG A 149 -2.37 7.00 13.41
CA ARG A 149 -2.55 8.36 12.90
C ARG A 149 -1.27 9.15 13.04
N ALA A 150 -0.52 8.88 14.12
CA ALA A 150 0.77 9.53 14.34
C ALA A 150 1.78 9.09 13.29
N ILE A 151 1.73 7.81 12.93
CA ILE A 151 2.60 7.28 11.89
C ILE A 151 2.28 7.94 10.55
N VAL A 152 1.00 8.00 10.23
CA VAL A 152 0.54 8.68 9.01
C VAL A 152 0.98 10.14 9.03
N LEU A 153 0.97 10.74 10.23
CA LEU A 153 1.37 12.12 10.40
C LEU A 153 2.84 12.32 10.04
N PHE A 154 3.71 11.56 10.70
CA PHE A 154 5.15 11.64 10.42
C PHE A 154 5.48 10.90 9.13
N ASN A 155 5.08 11.48 8.00
CA ASN A 155 5.32 10.88 6.69
C ASN A 155 6.54 11.51 6.02
N PRO A 156 7.69 10.82 6.06
CA PRO A 156 8.97 11.32 5.55
C PRO A 156 8.94 11.54 4.04
N ASP A 157 8.08 10.80 3.34
CA ASP A 157 8.04 10.83 1.89
C ASP A 157 7.34 12.08 1.35
N SER A 158 6.97 12.99 2.25
CA SER A 158 6.29 14.22 1.85
C SER A 158 7.20 15.13 1.05
N LYS A 159 6.69 15.63 -0.08
CA LYS A 159 7.45 16.50 -0.96
C LYS A 159 7.73 17.86 -0.32
N GLY A 160 9.00 18.24 -0.29
CA GLY A 160 9.38 19.57 0.17
C GLY A 160 9.93 19.62 1.58
N LEU A 161 9.90 18.49 2.28
CA LEU A 161 10.41 18.43 3.64
C LEU A 161 11.89 18.80 3.70
N SER A 162 12.21 19.80 4.52
CA SER A 162 13.59 20.26 4.66
C SER A 162 14.49 19.17 5.23
N ASN A 163 14.02 18.50 6.28
CA ASN A 163 14.77 17.41 6.88
C ASN A 163 13.93 16.14 7.04
N PRO A 164 13.87 15.32 5.98
CA PRO A 164 13.13 14.06 6.00
C PRO A 164 13.70 13.09 7.03
N ALA A 165 14.95 13.32 7.42
CA ALA A 165 15.64 12.43 8.36
C ALA A 165 15.02 12.44 9.76
N GLU A 166 14.78 13.63 10.29
CA GLU A 166 14.19 13.75 11.63
C GLU A 166 12.77 13.21 11.66
N VAL A 167 12.04 13.39 10.56
CA VAL A 167 10.68 12.90 10.45
C VAL A 167 10.66 11.38 10.47
N GLU A 168 11.56 10.77 9.72
CA GLU A 168 11.69 9.31 9.70
C GLU A 168 11.98 8.79 11.10
N ALA A 169 12.75 9.56 11.86
CA ALA A 169 13.12 9.19 13.23
C ALA A 169 11.90 9.22 14.15
N LEU A 170 11.08 10.25 14.01
CA LEU A 170 9.88 10.38 14.82
C LEU A 170 8.92 9.23 14.56
N ARG A 171 8.73 8.91 13.28
CA ARG A 171 7.88 7.79 12.90
C ARG A 171 8.39 6.48 13.50
N GLU A 172 9.69 6.24 13.38
CA GLU A 172 10.28 5.01 13.89
C GLU A 172 10.19 4.94 15.40
N LYS A 173 10.11 6.09 16.05
CA LYS A 173 9.87 6.15 17.49
C LYS A 173 8.47 5.64 17.79
N VAL A 174 7.52 6.03 16.96
CA VAL A 174 6.14 5.59 17.10
C VAL A 174 6.03 4.10 16.80
N TYR A 175 6.86 3.61 15.89
CA TYR A 175 6.92 2.18 15.60
C TYR A 175 7.23 1.39 16.86
N ALA A 176 8.27 1.83 17.58
CA ALA A 176 8.73 1.13 18.77
C ALA A 176 7.72 1.19 19.91
N SER A 177 7.15 2.36 20.13
CA SER A 177 6.16 2.53 21.20
C SER A 177 4.94 1.66 20.96
N LEU A 178 4.42 1.70 19.74
CA LEU A 178 3.25 0.91 19.37
C LEU A 178 3.52 -0.58 19.55
N GLU A 179 4.64 -1.04 19.02
CA GLU A 179 4.99 -2.46 19.12
C GLU A 179 5.16 -2.87 20.57
N ALA A 180 5.75 -1.99 21.37
CA ALA A 180 5.92 -2.24 22.80
C ALA A 180 4.57 -2.30 23.50
N TYR A 181 3.67 -1.41 23.10
CA TYR A 181 2.33 -1.36 23.68
C TYR A 181 1.56 -2.64 23.38
N CYS A 182 1.70 -3.14 22.15
CA CYS A 182 1.00 -4.35 21.73
C CYS A 182 1.49 -5.57 22.49
N LYS A 183 2.81 -5.75 22.53
CA LYS A 183 3.41 -6.84 23.30
C LYS A 183 2.96 -6.76 24.76
N HIS A 184 2.77 -5.53 25.23
CA HIS A 184 2.42 -5.27 26.62
C HIS A 184 0.96 -5.60 26.93
N LYS A 185 0.07 -5.18 26.03
CA LYS A 185 -1.37 -5.32 26.26
C LYS A 185 -1.98 -6.54 25.56
N TYR A 186 -1.26 -7.10 24.61
CA TYR A 186 -1.75 -8.26 23.86
C TYR A 186 -0.66 -9.30 23.64
N PRO A 187 -0.16 -9.90 24.74
CA PRO A 187 0.93 -10.88 24.68
C PRO A 187 0.57 -12.10 23.85
N GLU A 188 -0.71 -12.46 23.83
CA GLU A 188 -1.17 -13.65 23.12
C GLU A 188 -1.23 -13.43 21.61
N GLN A 189 -1.09 -12.18 21.19
CA GLN A 189 -1.13 -11.83 19.76
C GLN A 189 0.21 -11.27 19.31
N PRO A 190 1.16 -12.15 18.98
CA PRO A 190 2.51 -11.75 18.56
C PRO A 190 2.51 -10.83 17.34
N GLY A 191 1.56 -11.04 16.43
CA GLY A 191 1.53 -10.30 15.18
C GLY A 191 0.46 -9.22 15.10
N ARG A 192 0.15 -8.61 16.24
CA ARG A 192 -0.83 -7.54 16.27
C ARG A 192 -0.25 -6.23 15.73
N PHE A 193 1.01 -5.97 16.07
CA PHE A 193 1.69 -4.78 15.59
C PHE A 193 1.70 -4.71 14.08
N ALA A 194 1.94 -5.86 13.44
CA ALA A 194 1.95 -5.93 11.98
C ALA A 194 0.55 -5.88 11.41
N LYS A 195 -0.40 -6.50 12.11
CA LYS A 195 -1.80 -6.50 11.67
C LYS A 195 -2.36 -5.09 11.67
N LEU A 196 -1.86 -4.26 12.57
CA LEU A 196 -2.27 -2.86 12.64
C LEU A 196 -1.66 -2.06 11.50
N LEU A 197 -0.35 -2.24 11.30
CA LEU A 197 0.36 -1.52 10.23
C LEU A 197 -0.21 -1.84 8.85
N LEU A 198 -0.81 -3.01 8.71
CA LEU A 198 -1.35 -3.44 7.42
C LEU A 198 -2.72 -2.83 7.12
N ARG A 199 -3.15 -1.91 7.98
CA ARG A 199 -4.38 -1.17 7.73
C ARG A 199 -4.07 0.10 6.94
N LEU A 200 -2.81 0.52 7.00
CA LEU A 200 -2.36 1.74 6.34
C LEU A 200 -2.50 1.70 4.82
N PRO A 201 -2.19 0.55 4.20
CA PRO A 201 -2.40 0.44 2.75
C PRO A 201 -3.80 0.87 2.33
N ALA A 202 -4.82 0.25 2.91
CA ALA A 202 -6.20 0.58 2.59
C ALA A 202 -6.49 2.07 2.82
N LEU A 203 -6.03 2.58 3.96
CA LEU A 203 -6.23 3.99 4.29
C LEU A 203 -5.62 4.90 3.24
N ARG A 204 -4.40 4.57 2.82
CA ARG A 204 -3.68 5.35 1.81
C ARG A 204 -4.42 5.31 0.47
N SER A 205 -4.87 4.12 0.08
CA SER A 205 -5.58 3.94 -1.18
C SER A 205 -6.91 4.67 -1.16
N ILE A 206 -7.66 4.50 -0.08
CA ILE A 206 -8.96 5.14 0.07
C ILE A 206 -8.82 6.66 0.11
N GLY A 207 -7.75 7.13 0.76
CA GLY A 207 -7.50 8.55 0.84
C GLY A 207 -7.30 9.20 -0.52
N LEU A 208 -6.56 8.52 -1.39
CA LEU A 208 -6.30 9.04 -2.73
C LEU A 208 -7.58 9.14 -3.55
N LYS A 209 -8.33 8.05 -3.60
CA LYS A 209 -9.60 8.03 -4.33
C LYS A 209 -10.52 9.13 -3.81
N CYS A 210 -10.51 9.32 -2.50
CA CYS A 210 -11.29 10.37 -1.88
C CYS A 210 -10.94 11.73 -2.46
N LEU A 211 -9.64 11.95 -2.67
CA LEU A 211 -9.16 13.22 -3.22
C LEU A 211 -9.51 13.36 -4.70
N GLU A 212 -9.54 12.24 -5.41
CA GLU A 212 -9.93 12.25 -6.82
C GLU A 212 -11.33 12.82 -6.97
N HIS A 213 -12.21 12.47 -6.03
CA HIS A 213 -13.56 13.01 -6.01
C HIS A 213 -13.54 14.54 -5.93
N LEU A 214 -12.88 15.08 -4.92
CA LEU A 214 -12.81 16.52 -4.75
C LEU A 214 -11.66 17.15 -5.53
N PHE A 215 -11.46 16.69 -6.76
CA PHE A 215 -10.43 17.26 -7.62
C PHE A 215 -10.81 18.67 -8.04
N PHE A 216 -12.05 18.83 -8.49
CA PHE A 216 -12.55 20.13 -8.95
C PHE A 216 -12.60 21.12 -7.79
N PHE A 217 -12.77 20.61 -6.58
CA PHE A 217 -12.80 21.44 -5.38
C PHE A 217 -11.42 21.99 -5.09
N LYS A 218 -10.39 21.15 -5.24
CA LYS A 218 -9.01 21.56 -5.03
C LYS A 218 -8.60 22.62 -6.05
N LEU A 219 -8.53 22.22 -7.31
CA LEU A 219 -8.19 23.14 -8.39
C LEU A 219 -9.37 24.00 -8.79
N ILE A 220 -9.49 25.17 -8.18
CA ILE A 220 -10.57 26.10 -8.47
C ILE A 220 -10.04 27.49 -8.76
N GLY A 221 -10.49 28.09 -9.86
CA GLY A 221 -10.04 29.40 -10.25
C GLY A 221 -10.85 30.02 -11.38
N ASP A 222 -12.15 29.76 -11.38
CA ASP A 222 -13.05 30.34 -12.37
C ASP A 222 -14.06 31.25 -11.70
N THR A 223 -15.31 30.79 -11.61
CA THR A 223 -16.36 31.51 -10.91
C THR A 223 -17.51 30.57 -10.55
N PRO A 224 -17.48 30.04 -9.32
CA PRO A 224 -18.47 29.07 -8.82
C PRO A 224 -19.84 29.70 -8.58
N ILE A 225 -20.81 28.86 -8.22
CA ILE A 225 -22.16 29.31 -7.90
C ILE A 225 -22.77 30.15 -9.02
N ASP A 226 -22.21 30.04 -10.22
CA ASP A 226 -22.72 30.73 -11.40
C ASP A 226 -22.97 32.22 -11.15
N THR A 227 -22.04 32.87 -10.45
CA THR A 227 -22.10 34.30 -10.24
C THR A 227 -21.46 35.02 -11.42
N PHE A 228 -20.78 34.25 -12.26
CA PHE A 228 -20.13 34.76 -13.45
C PHE A 228 -21.17 35.38 -14.39
N LEU A 229 -22.17 34.58 -14.73
CA LEU A 229 -23.20 34.99 -15.67
C LEU A 229 -24.12 36.06 -15.09
N MET A 230 -24.42 35.94 -13.80
CA MET A 230 -25.28 36.90 -13.12
C MET A 230 -24.78 38.33 -13.34
N GLU A 231 -23.46 38.49 -13.34
CA GLU A 231 -22.84 39.79 -13.53
C GLU A 231 -22.68 40.12 -15.01
N MET A 232 -22.45 39.07 -15.82
CA MET A 232 -22.21 39.23 -17.25
C MET A 232 -23.36 39.91 -17.98
N LEU A 233 -24.50 40.04 -17.31
CA LEU A 233 -25.68 40.63 -17.92
C LEU A 233 -25.98 42.02 -17.36
N GLU A 234 -25.96 42.13 -16.04
CA GLU A 234 -26.23 43.41 -15.39
C GLU A 234 -25.12 44.42 -15.66
N SER B 25 18.44 -10.98 20.89
CA SER B 25 18.67 -12.40 20.69
C SER B 25 18.34 -12.83 19.26
N TYR B 26 17.04 -12.92 18.97
CA TYR B 26 16.57 -13.30 17.64
C TYR B 26 17.01 -14.70 17.24
N THR B 27 16.62 -15.69 18.02
CA THR B 27 16.88 -17.08 17.67
C THR B 27 15.86 -17.52 16.62
N LEU B 28 16.27 -18.42 15.72
CA LEU B 28 15.41 -18.82 14.62
C LEU B 28 14.80 -20.21 14.85
N THR B 29 13.52 -20.22 15.24
CA THR B 29 12.80 -21.47 15.45
C THR B 29 12.84 -22.35 14.20
N PRO B 30 13.03 -23.67 14.40
CA PRO B 30 13.06 -24.62 13.29
C PRO B 30 11.80 -24.52 12.42
N GLU B 31 10.65 -24.29 13.05
CA GLU B 31 9.40 -24.19 12.33
C GLU B 31 9.38 -22.94 11.46
N VAL B 32 9.91 -21.84 11.99
CA VAL B 32 10.02 -20.60 11.22
C VAL B 32 11.11 -20.73 10.16
N GLY B 33 12.27 -21.25 10.57
CA GLY B 33 13.40 -21.43 9.68
C GLY B 33 13.05 -22.24 8.45
N GLU B 34 12.24 -23.27 8.63
CA GLU B 34 11.80 -24.11 7.52
C GLU B 34 10.89 -23.31 6.58
N LEU B 35 9.97 -22.55 7.16
CA LEU B 35 9.08 -21.70 6.38
C LEU B 35 9.90 -20.72 5.54
N ILE B 36 10.86 -20.05 6.18
CA ILE B 36 11.71 -19.10 5.50
C ILE B 36 12.44 -19.74 4.31
N GLU B 37 12.85 -21.00 4.49
CA GLU B 37 13.60 -21.69 3.45
C GLU B 37 12.69 -22.11 2.29
N LYS B 38 11.46 -22.51 2.60
CA LYS B 38 10.49 -22.83 1.56
C LYS B 38 10.27 -21.61 0.66
N VAL B 39 10.08 -20.45 1.29
CA VAL B 39 9.81 -19.22 0.56
C VAL B 39 11.00 -18.81 -0.32
N ARG B 40 12.20 -18.84 0.26
CA ARG B 40 13.40 -18.49 -0.49
C ARG B 40 13.60 -19.44 -1.68
N LYS B 41 13.46 -20.73 -1.43
CA LYS B 41 13.55 -21.72 -2.49
C LYS B 41 12.53 -21.42 -3.58
N ALA B 42 11.33 -21.06 -3.16
CA ALA B 42 10.25 -20.74 -4.09
C ALA B 42 10.59 -19.52 -4.95
N HIS B 43 11.20 -18.51 -4.33
CA HIS B 43 11.54 -17.29 -5.05
C HIS B 43 12.73 -17.49 -5.99
N GLN B 44 13.79 -18.11 -5.48
CA GLN B 44 14.98 -18.37 -6.28
C GLN B 44 14.66 -19.21 -7.51
N GLU B 45 13.89 -20.27 -7.30
CA GLU B 45 13.59 -21.23 -8.36
C GLU B 45 12.67 -20.65 -9.43
N THR B 46 11.89 -19.63 -9.08
CA THR B 46 10.97 -19.01 -10.03
C THR B 46 11.40 -17.59 -10.41
N PHE B 47 12.52 -17.14 -9.86
CA PHE B 47 13.00 -15.80 -10.14
C PHE B 47 14.49 -15.65 -9.83
N PRO B 48 15.34 -15.89 -10.84
CA PRO B 48 16.80 -15.81 -10.70
C PRO B 48 17.27 -14.42 -10.27
N ALA B 49 18.25 -14.37 -9.38
CA ALA B 49 18.79 -13.11 -8.90
C ALA B 49 19.47 -12.32 -10.02
N LEU B 50 19.65 -11.03 -9.81
CA LEU B 50 20.25 -10.16 -10.82
C LEU B 50 21.68 -10.55 -11.14
N CYS B 51 22.44 -10.92 -10.11
CA CYS B 51 23.85 -11.24 -10.27
C CYS B 51 24.08 -12.60 -10.95
N GLN B 52 23.28 -13.59 -10.57
CA GLN B 52 23.39 -14.93 -11.14
C GLN B 52 22.78 -14.98 -12.53
N LEU B 53 23.01 -13.94 -13.32
CA LEU B 53 22.34 -13.82 -14.61
C LEU B 53 23.22 -13.14 -15.66
N GLY B 54 23.35 -13.77 -16.82
CA GLY B 54 24.04 -13.18 -17.96
C GLY B 54 23.12 -12.18 -18.63
N LYS B 55 23.64 -10.99 -18.93
CA LYS B 55 22.79 -9.92 -19.43
C LYS B 55 23.02 -9.64 -20.92
N TYR B 56 22.05 -8.98 -21.54
CA TYR B 56 22.15 -8.54 -22.92
C TYR B 56 21.13 -7.45 -23.18
N THR B 57 21.49 -6.46 -24.00
CA THR B 57 20.57 -5.37 -24.31
C THR B 57 20.41 -5.23 -25.82
N THR B 58 19.71 -4.18 -26.24
CA THR B 58 19.54 -3.91 -27.66
C THR B 58 19.88 -2.46 -28.00
N ASN B 59 19.64 -2.08 -29.25
CA ASN B 59 20.00 -0.75 -29.74
C ASN B 59 18.78 0.13 -30.00
N ASN B 60 17.69 -0.49 -30.42
CA ASN B 60 16.50 0.23 -30.86
C ASN B 60 15.77 1.01 -29.78
N SER B 61 15.45 2.26 -30.10
CA SER B 61 14.58 3.11 -29.27
C SER B 61 15.19 3.47 -27.91
N SER B 62 16.52 3.48 -27.83
CA SER B 62 17.20 3.83 -26.59
C SER B 62 17.57 5.32 -26.58
N GLU B 63 17.05 6.07 -27.53
CA GLU B 63 17.39 7.48 -27.67
C GLU B 63 16.42 8.39 -26.93
N GLN B 64 15.21 8.52 -27.47
CA GLN B 64 14.22 9.43 -26.89
C GLN B 64 12.94 8.71 -26.49
N ARG B 65 12.20 9.30 -25.56
CA ARG B 65 10.95 8.71 -25.09
C ARG B 65 9.86 8.77 -26.16
N VAL B 66 9.01 7.75 -26.19
CA VAL B 66 7.94 7.66 -27.17
C VAL B 66 6.73 6.97 -26.55
N SER B 67 5.54 7.28 -27.07
CA SER B 67 4.31 6.68 -26.57
C SER B 67 4.42 5.16 -26.43
N LEU B 68 4.93 4.51 -27.47
CA LEU B 68 5.05 3.05 -27.45
C LEU B 68 5.84 2.52 -28.66
N ASP B 69 6.79 1.64 -28.39
CA ASP B 69 7.56 0.99 -29.45
C ASP B 69 7.13 -0.48 -29.59
N ILE B 70 6.54 -0.80 -30.74
CA ILE B 70 5.98 -2.13 -30.98
C ILE B 70 6.99 -3.26 -30.77
N ASP B 71 8.15 -3.15 -31.40
CA ASP B 71 9.19 -4.17 -31.27
C ASP B 71 9.49 -4.47 -29.80
N LEU B 72 9.59 -3.43 -28.99
CA LEU B 72 9.87 -3.58 -27.57
C LEU B 72 8.67 -4.11 -26.79
N TRP B 73 7.48 -3.60 -27.12
CA TRP B 73 6.26 -4.06 -26.46
C TRP B 73 6.07 -5.55 -26.66
N ASP B 74 6.34 -6.02 -27.87
CA ASP B 74 6.24 -7.45 -28.18
C ASP B 74 7.15 -8.26 -27.26
N LYS B 75 8.43 -7.91 -27.26
CA LYS B 75 9.42 -8.62 -26.45
C LYS B 75 9.06 -8.56 -24.97
N PHE B 76 8.59 -7.40 -24.53
CA PHE B 76 8.26 -7.17 -23.12
C PHE B 76 6.98 -7.89 -22.70
N SER B 77 6.03 -7.99 -23.63
CA SER B 77 4.76 -8.65 -23.33
C SER B 77 4.96 -10.16 -23.17
N GLU B 78 5.94 -10.70 -23.88
CA GLU B 78 6.27 -12.11 -23.80
C GLU B 78 6.88 -12.44 -22.45
N LEU B 79 7.87 -11.65 -22.04
CA LEU B 79 8.54 -11.85 -20.76
C LEU B 79 7.56 -11.71 -19.60
N SER B 80 6.60 -10.79 -19.75
CA SER B 80 5.58 -10.58 -18.73
C SER B 80 4.71 -11.83 -18.57
N THR B 81 4.26 -12.37 -19.71
CA THR B 81 3.47 -13.59 -19.71
C THR B 81 4.19 -14.71 -18.99
N LYS B 82 5.50 -14.83 -19.24
CA LYS B 82 6.31 -15.88 -18.65
C LYS B 82 6.50 -15.68 -17.15
N CYS B 83 6.68 -14.42 -16.74
CA CYS B 83 6.89 -14.11 -15.33
C CYS B 83 5.61 -14.28 -14.53
N ILE B 84 4.46 -14.16 -15.21
CA ILE B 84 3.17 -14.42 -14.58
C ILE B 84 3.02 -15.91 -14.34
N ILE B 85 3.44 -16.70 -15.32
CA ILE B 85 3.45 -18.16 -15.19
C ILE B 85 4.33 -18.55 -14.01
N LYS B 86 5.50 -17.92 -13.93
CA LYS B 86 6.43 -18.17 -12.83
C LYS B 86 5.82 -17.73 -11.50
N THR B 87 5.11 -16.61 -11.51
CA THR B 87 4.46 -16.09 -10.32
C THR B 87 3.49 -17.12 -9.73
N VAL B 88 2.74 -17.78 -10.61
CA VAL B 88 1.83 -18.83 -10.18
C VAL B 88 2.61 -20.00 -9.59
N GLU B 89 3.69 -20.37 -10.26
CA GLU B 89 4.56 -21.45 -9.79
C GLU B 89 5.09 -21.11 -8.40
N PHE B 90 5.35 -19.83 -8.18
CA PHE B 90 5.84 -19.35 -6.88
C PHE B 90 4.75 -19.48 -5.83
N ALA B 91 3.53 -19.14 -6.22
CA ALA B 91 2.39 -19.18 -5.30
C ALA B 91 2.07 -20.60 -4.84
N LYS B 92 2.11 -21.54 -5.78
CA LYS B 92 1.73 -22.92 -5.50
C LYS B 92 2.61 -23.59 -4.44
N GLN B 93 3.84 -23.10 -4.30
CA GLN B 93 4.78 -23.69 -3.35
C GLN B 93 4.62 -23.12 -1.95
N LEU B 94 3.80 -22.07 -1.82
CA LEU B 94 3.55 -21.43 -0.54
C LEU B 94 2.64 -22.28 0.35
N PRO B 95 2.99 -22.41 1.64
CA PRO B 95 2.24 -23.22 2.59
C PRO B 95 0.76 -22.85 2.65
N GLY B 96 -0.11 -23.81 2.33
CA GLY B 96 -1.54 -23.62 2.48
C GLY B 96 -2.25 -23.05 1.26
N PHE B 97 -1.49 -22.39 0.38
CA PHE B 97 -2.09 -21.77 -0.80
C PHE B 97 -2.86 -22.78 -1.66
N THR B 98 -2.24 -23.93 -1.90
CA THR B 98 -2.86 -24.98 -2.71
C THR B 98 -4.12 -25.52 -2.04
N THR B 99 -4.18 -25.42 -0.71
CA THR B 99 -5.31 -25.94 0.04
C THR B 99 -6.46 -24.93 0.11
N LEU B 100 -6.30 -23.81 -0.59
CA LEU B 100 -7.38 -22.82 -0.70
C LEU B 100 -8.30 -23.22 -1.84
N THR B 101 -9.51 -22.67 -1.84
CA THR B 101 -10.43 -22.90 -2.94
C THR B 101 -9.85 -22.29 -4.20
N ILE B 102 -10.13 -22.91 -5.35
CA ILE B 102 -9.62 -22.41 -6.62
C ILE B 102 -10.05 -20.96 -6.86
N ALA B 103 -11.29 -20.65 -6.50
CA ALA B 103 -11.81 -19.30 -6.67
C ALA B 103 -11.02 -18.28 -5.86
N ASP B 104 -10.59 -18.69 -4.66
CA ASP B 104 -9.79 -17.82 -3.81
C ASP B 104 -8.37 -17.68 -4.34
N GLN B 105 -7.78 -18.80 -4.73
CA GLN B 105 -6.44 -18.80 -5.30
C GLN B 105 -6.38 -17.87 -6.50
N ILE B 106 -7.40 -17.93 -7.34
CA ILE B 106 -7.48 -17.09 -8.54
C ILE B 106 -7.72 -15.63 -8.19
N THR B 107 -8.49 -15.39 -7.13
CA THR B 107 -8.76 -14.03 -6.68
C THR B 107 -7.51 -13.37 -6.09
N LEU B 108 -6.70 -14.17 -5.41
CA LEU B 108 -5.46 -13.67 -4.81
C LEU B 108 -4.43 -13.33 -5.88
N LEU B 109 -4.21 -14.27 -6.80
CA LEU B 109 -3.23 -14.08 -7.87
C LEU B 109 -3.55 -12.86 -8.73
N LYS B 110 -4.82 -12.68 -9.07
CA LYS B 110 -5.23 -11.55 -9.91
C LYS B 110 -5.05 -10.22 -9.17
N ALA B 111 -5.24 -10.25 -7.86
CA ALA B 111 -5.15 -9.04 -7.06
C ALA B 111 -3.70 -8.64 -6.77
N ALA B 112 -2.83 -9.63 -6.63
CA ALA B 112 -1.44 -9.37 -6.22
C ALA B 112 -0.47 -9.41 -7.40
N CYS B 113 -0.95 -9.83 -8.55
CA CYS B 113 -0.10 -10.01 -9.73
C CYS B 113 0.88 -8.86 -9.94
N LEU B 114 0.36 -7.65 -10.07
CA LEU B 114 1.20 -6.48 -10.31
C LEU B 114 2.11 -6.16 -9.14
N ASP B 115 1.59 -6.31 -7.92
CA ASP B 115 2.39 -6.11 -6.72
C ASP B 115 3.69 -6.90 -6.79
N ILE B 116 3.58 -8.17 -7.19
CA ILE B 116 4.71 -9.08 -7.20
C ILE B 116 5.63 -8.82 -8.40
N LEU B 117 5.03 -8.54 -9.56
CA LEU B 117 5.82 -8.24 -10.75
C LEU B 117 6.67 -6.99 -10.55
N ILE B 118 6.08 -5.96 -9.95
CA ILE B 118 6.78 -4.73 -9.67
C ILE B 118 7.90 -4.93 -8.65
N LEU B 119 7.56 -5.63 -7.56
CA LEU B 119 8.55 -5.92 -6.52
C LEU B 119 9.72 -6.71 -7.11
N ARG B 120 9.41 -7.66 -7.98
CA ARG B 120 10.44 -8.48 -8.61
C ARG B 120 11.34 -7.65 -9.52
N ILE B 121 10.74 -7.01 -10.52
CA ILE B 121 11.51 -6.22 -11.49
C ILE B 121 12.35 -5.15 -10.80
N CYS B 122 11.86 -4.66 -9.65
CA CYS B 122 12.57 -3.63 -8.91
C CYS B 122 13.81 -4.15 -8.19
N THR B 123 13.93 -5.48 -8.09
CA THR B 123 15.13 -6.09 -7.53
C THR B 123 16.12 -6.44 -8.65
N ARG B 124 15.79 -6.01 -9.86
CA ARG B 124 16.65 -6.23 -11.02
C ARG B 124 17.20 -4.90 -11.50
N TYR B 125 17.32 -3.95 -10.58
CA TYR B 125 17.71 -2.58 -10.93
C TYR B 125 19.17 -2.29 -10.62
N THR B 126 19.92 -1.87 -11.64
CA THR B 126 21.31 -1.46 -11.47
C THR B 126 21.42 0.05 -11.57
N PRO B 127 21.69 0.70 -10.42
CA PRO B 127 21.74 2.17 -10.29
C PRO B 127 22.66 2.85 -11.29
N GLU B 128 23.91 2.38 -11.36
CA GLU B 128 24.93 3.00 -12.20
C GLU B 128 24.47 3.23 -13.64
N GLN B 129 23.92 2.19 -14.26
CA GLN B 129 23.50 2.29 -15.65
C GLN B 129 22.02 2.64 -15.78
N ASP B 130 21.33 2.72 -14.65
CA ASP B 130 19.92 3.10 -14.63
C ASP B 130 19.07 2.15 -15.47
N THR B 131 19.22 0.85 -15.22
CA THR B 131 18.54 -0.15 -16.04
C THR B 131 17.80 -1.19 -15.22
N MET B 132 16.86 -1.88 -15.88
CA MET B 132 16.14 -3.00 -15.30
C MET B 132 16.44 -4.24 -16.14
N THR B 133 16.66 -5.37 -15.47
CA THR B 133 17.01 -6.60 -16.17
C THR B 133 15.93 -7.67 -16.01
N PHE B 134 15.44 -8.18 -17.14
CA PHE B 134 14.42 -9.21 -17.13
C PHE B 134 15.01 -10.61 -17.02
N SER B 135 14.15 -11.62 -16.93
CA SER B 135 14.58 -12.99 -16.65
C SER B 135 15.37 -13.65 -17.79
N ASP B 136 15.19 -13.15 -19.01
CA ASP B 136 15.94 -13.69 -20.15
C ASP B 136 17.30 -13.02 -20.23
N GLY B 137 17.56 -12.11 -19.31
CA GLY B 137 18.82 -11.39 -19.29
C GLY B 137 18.71 -10.01 -19.92
N LEU B 138 17.63 -9.78 -20.66
CA LEU B 138 17.42 -8.51 -21.33
C LEU B 138 17.48 -7.34 -20.35
N THR B 139 18.35 -6.38 -20.64
CA THR B 139 18.54 -5.22 -19.78
C THR B 139 18.17 -3.93 -20.51
N LEU B 140 17.11 -3.28 -20.04
CA LEU B 140 16.64 -2.05 -20.66
C LEU B 140 16.88 -0.83 -19.78
N ASN B 141 17.25 0.29 -20.39
CA ASN B 141 17.40 1.54 -19.66
C ASN B 141 16.03 2.16 -19.38
N ARG B 142 16.02 3.25 -18.62
CA ARG B 142 14.79 3.91 -18.24
C ARG B 142 13.93 4.26 -19.45
N THR B 143 14.57 4.76 -20.50
CA THR B 143 13.87 5.18 -21.71
C THR B 143 13.19 4.01 -22.41
N GLN B 144 13.94 2.95 -22.66
CA GLN B 144 13.40 1.75 -23.29
C GLN B 144 12.28 1.17 -22.45
N MET B 145 12.46 1.19 -21.13
CA MET B 145 11.44 0.74 -20.21
C MET B 145 10.14 1.50 -20.45
N HIS B 146 10.26 2.80 -20.67
CA HIS B 146 9.10 3.65 -20.95
C HIS B 146 8.46 3.28 -22.28
N ASN B 147 9.29 3.11 -23.30
CA ASN B 147 8.80 2.81 -24.65
C ASN B 147 8.26 1.39 -24.78
N ALA B 148 8.69 0.51 -23.87
CA ALA B 148 8.26 -0.87 -23.89
C ALA B 148 6.79 -1.02 -23.49
N GLY B 149 6.33 -0.14 -22.62
CA GLY B 149 4.94 -0.17 -22.19
C GLY B 149 4.67 0.54 -20.88
N PHE B 150 5.67 0.60 -20.01
CA PHE B 150 5.54 1.24 -18.70
C PHE B 150 5.00 2.66 -18.83
N GLY B 151 5.68 3.47 -19.64
CA GLY B 151 5.25 4.83 -19.89
C GLY B 151 5.21 5.71 -18.65
N PRO B 152 4.02 6.21 -18.30
CA PRO B 152 3.82 7.14 -17.18
C PRO B 152 4.29 6.57 -15.84
N LEU B 153 4.38 5.24 -15.76
CA LEU B 153 4.77 4.58 -14.52
C LEU B 153 6.28 4.43 -14.41
N THR B 154 6.98 4.65 -15.51
CA THR B 154 8.42 4.44 -15.58
C THR B 154 9.17 5.13 -14.45
N ASP B 155 8.84 6.39 -14.19
CA ASP B 155 9.54 7.16 -13.16
C ASP B 155 9.15 6.72 -11.75
N LEU B 156 7.90 6.31 -11.57
CA LEU B 156 7.45 5.81 -10.28
C LEU B 156 8.15 4.50 -9.91
N VAL B 157 8.22 3.59 -10.89
CA VAL B 157 8.83 2.28 -10.67
C VAL B 157 10.33 2.40 -10.37
N PHE B 158 11.01 3.25 -11.14
CA PHE B 158 12.45 3.46 -10.94
C PHE B 158 12.72 4.13 -9.59
N ALA B 159 11.86 5.05 -9.20
CA ALA B 159 11.98 5.71 -7.90
C ALA B 159 11.81 4.69 -6.79
N PHE B 160 10.83 3.80 -6.95
CA PHE B 160 10.57 2.77 -5.96
C PHE B 160 11.76 1.83 -5.82
N ALA B 161 12.32 1.43 -6.96
CA ALA B 161 13.50 0.57 -6.97
C ALA B 161 14.66 1.23 -6.23
N ASN B 162 14.74 2.56 -6.33
CA ASN B 162 15.76 3.32 -5.61
C ASN B 162 15.49 3.40 -4.11
N GLN B 163 14.22 3.32 -3.73
CA GLN B 163 13.84 3.35 -2.33
C GLN B 163 14.09 1.99 -1.67
N LEU B 164 14.24 0.96 -2.48
CA LEU B 164 14.45 -0.40 -1.98
C LEU B 164 15.90 -0.66 -1.59
N LEU B 165 16.83 -0.17 -2.40
CA LEU B 165 18.26 -0.43 -2.18
C LEU B 165 18.73 -0.23 -0.74
N PRO B 166 18.31 0.86 -0.08
CA PRO B 166 18.73 1.09 1.30
C PRO B 166 18.33 -0.04 2.25
N LEU B 167 17.42 -0.91 1.80
CA LEU B 167 16.93 -2.00 2.63
C LEU B 167 17.82 -3.24 2.57
N GLU B 168 18.69 -3.29 1.56
CA GLU B 168 19.56 -4.44 1.36
C GLU B 168 18.81 -5.76 1.53
N MET B 169 17.73 -5.92 0.76
CA MET B 169 16.90 -7.12 0.85
C MET B 169 17.55 -8.30 0.13
N ASP B 170 17.43 -9.47 0.73
CA ASP B 170 17.94 -10.70 0.12
C ASP B 170 16.79 -11.49 -0.51
N ASP B 171 17.10 -12.69 -1.00
CA ASP B 171 16.11 -13.50 -1.71
C ASP B 171 14.97 -13.94 -0.78
N ALA B 172 15.27 -14.13 0.50
CA ALA B 172 14.26 -14.58 1.46
C ALA B 172 13.28 -13.47 1.81
N GLU B 173 13.81 -12.27 2.04
CA GLU B 173 12.98 -11.13 2.41
C GLU B 173 12.12 -10.67 1.23
N THR B 174 12.72 -10.67 0.04
CA THR B 174 11.98 -10.35 -1.17
C THR B 174 10.86 -11.37 -1.40
N GLY B 175 11.14 -12.61 -0.99
CA GLY B 175 10.16 -13.68 -1.11
C GLY B 175 9.01 -13.54 -0.14
N LEU B 176 9.34 -13.39 1.14
CA LEU B 176 8.33 -13.22 2.17
C LEU B 176 7.42 -12.03 1.86
N LEU B 177 8.03 -10.92 1.46
CA LEU B 177 7.27 -9.72 1.13
C LEU B 177 6.30 -9.99 -0.01
N SER B 178 6.74 -10.79 -0.98
CA SER B 178 5.89 -11.18 -2.09
C SER B 178 4.72 -12.04 -1.62
N ALA B 179 5.03 -13.05 -0.80
CA ALA B 179 4.01 -13.94 -0.27
C ALA B 179 3.01 -13.19 0.60
N ILE B 180 3.51 -12.20 1.34
CA ILE B 180 2.66 -11.39 2.21
C ILE B 180 1.66 -10.56 1.40
N CYS B 181 2.10 -10.04 0.27
CA CYS B 181 1.22 -9.30 -0.62
C CYS B 181 0.20 -10.24 -1.25
N LEU B 182 0.65 -11.44 -1.63
CA LEU B 182 -0.21 -12.43 -2.26
C LEU B 182 -1.29 -12.93 -1.31
N ILE B 183 -0.86 -13.47 -0.16
CA ILE B 183 -1.79 -14.01 0.83
C ILE B 183 -2.38 -12.88 1.66
N CYS B 184 -3.34 -12.17 1.08
CA CYS B 184 -3.96 -11.03 1.74
C CYS B 184 -5.45 -11.25 1.90
N GLY B 185 -5.89 -11.41 3.15
CA GLY B 185 -7.29 -11.65 3.46
C GLY B 185 -8.15 -10.43 3.18
N ASP B 186 -7.52 -9.31 2.84
CA ASP B 186 -8.23 -8.06 2.62
C ASP B 186 -8.51 -7.85 1.14
N ARG B 187 -8.88 -8.92 0.45
CA ARG B 187 -9.24 -8.85 -0.96
C ARG B 187 -10.73 -9.08 -1.14
N GLN B 188 -11.35 -8.31 -2.03
CA GLN B 188 -12.79 -8.43 -2.27
C GLN B 188 -13.12 -9.67 -3.09
N ASP B 189 -14.31 -10.22 -2.85
CA ASP B 189 -14.80 -11.38 -3.60
C ASP B 189 -14.16 -12.68 -3.13
N LEU B 190 -13.53 -12.66 -1.97
CA LEU B 190 -13.01 -13.87 -1.35
C LEU B 190 -14.17 -14.60 -0.66
N GLU B 191 -14.05 -15.91 -0.49
CA GLU B 191 -15.09 -16.69 0.15
C GLU B 191 -14.66 -17.25 1.50
N GLN B 192 -13.36 -17.19 1.77
CA GLN B 192 -12.81 -17.64 3.04
C GLN B 192 -11.66 -16.75 3.49
N PRO B 193 -11.94 -15.45 3.70
CA PRO B 193 -10.92 -14.45 4.03
C PRO B 193 -10.18 -14.76 5.33
N ASP B 194 -10.92 -15.25 6.32
CA ASP B 194 -10.34 -15.56 7.63
C ASP B 194 -9.23 -16.60 7.51
N ARG B 195 -9.43 -17.57 6.64
CA ARG B 195 -8.44 -18.63 6.44
C ARG B 195 -7.21 -18.09 5.72
N VAL B 196 -7.41 -17.06 4.91
CA VAL B 196 -6.29 -16.39 4.23
C VAL B 196 -5.48 -15.58 5.25
N ASP B 197 -6.18 -15.00 6.22
CA ASP B 197 -5.54 -14.25 7.29
C ASP B 197 -4.61 -15.16 8.11
N MET B 198 -5.13 -16.32 8.51
CA MET B 198 -4.35 -17.27 9.29
C MET B 198 -3.10 -17.71 8.54
N LEU B 199 -3.22 -17.83 7.22
CA LEU B 199 -2.10 -18.23 6.38
C LEU B 199 -1.00 -17.18 6.35
N GLN B 200 -1.40 -15.92 6.48
CA GLN B 200 -0.46 -14.81 6.39
C GLN B 200 0.33 -14.61 7.69
N GLU B 201 -0.29 -14.95 8.81
CA GLU B 201 0.33 -14.76 10.13
C GLU B 201 1.77 -15.26 10.21
N PRO B 202 1.99 -16.54 9.87
CA PRO B 202 3.36 -17.08 9.97
C PRO B 202 4.33 -16.31 9.08
N LEU B 203 3.86 -15.93 7.89
CA LEU B 203 4.69 -15.19 6.95
C LEU B 203 5.14 -13.86 7.55
N LEU B 204 4.23 -13.20 8.25
CA LEU B 204 4.54 -11.93 8.89
C LEU B 204 5.49 -12.12 10.07
N GLU B 205 5.33 -13.24 10.78
CA GLU B 205 6.19 -13.55 11.92
C GLU B 205 7.60 -13.90 11.44
N ALA B 206 7.69 -14.81 10.48
CA ALA B 206 8.98 -15.23 9.94
C ALA B 206 9.77 -14.02 9.43
N LEU B 207 9.06 -13.07 8.83
CA LEU B 207 9.70 -11.87 8.30
C LEU B 207 10.26 -11.01 9.42
N LYS B 208 9.45 -10.80 10.45
CA LYS B 208 9.85 -9.96 11.57
C LYS B 208 11.17 -10.42 12.18
N VAL B 209 11.25 -11.70 12.53
CA VAL B 209 12.44 -12.23 13.19
C VAL B 209 13.63 -12.32 12.24
N TYR B 210 13.36 -12.62 10.97
CA TYR B 210 14.42 -12.77 9.98
C TYR B 210 15.07 -11.43 9.65
N VAL B 211 14.23 -10.41 9.46
CA VAL B 211 14.71 -9.07 9.15
C VAL B 211 15.63 -8.54 10.25
N ARG B 212 15.30 -8.87 11.49
CA ARG B 212 16.05 -8.38 12.64
C ARG B 212 17.24 -9.28 13.00
N LYS B 213 17.14 -10.56 12.67
CA LYS B 213 18.23 -11.49 12.91
C LYS B 213 19.43 -11.12 12.06
N ARG B 214 19.20 -10.30 11.04
CA ARG B 214 20.24 -9.88 10.12
C ARG B 214 20.71 -8.46 10.42
N ARG B 215 19.79 -7.64 10.92
CA ARG B 215 20.12 -6.26 11.27
C ARG B 215 19.72 -5.97 12.72
N PRO B 216 20.42 -6.61 13.67
CA PRO B 216 20.09 -6.54 15.10
C PRO B 216 20.20 -5.12 15.66
N SER B 217 21.05 -4.28 15.06
CA SER B 217 21.25 -2.93 15.55
C SER B 217 20.11 -2.01 15.13
N ARG B 218 19.39 -2.40 14.07
CA ARG B 218 18.28 -1.61 13.57
C ARG B 218 17.00 -2.44 13.48
N PRO B 219 16.17 -2.40 14.53
CA PRO B 219 14.93 -3.16 14.59
C PRO B 219 13.84 -2.52 13.74
N HIS B 220 14.04 -1.26 13.37
CA HIS B 220 13.06 -0.49 12.62
CA HIS B 220 13.06 -0.49 12.62
C HIS B 220 12.97 -0.95 11.17
N MET B 221 13.81 -1.90 10.78
CA MET B 221 13.81 -2.40 9.42
C MET B 221 12.57 -3.21 9.09
N PHE B 222 12.00 -3.87 10.09
CA PHE B 222 10.80 -4.67 9.87
C PHE B 222 9.58 -3.82 9.48
N PRO B 223 9.24 -2.81 10.29
CA PRO B 223 8.07 -1.98 9.97
C PRO B 223 8.31 -1.20 8.68
N LYS B 224 9.52 -0.66 8.53
CA LYS B 224 9.87 0.10 7.34
C LYS B 224 9.72 -0.76 6.09
N MET B 225 10.27 -1.97 6.14
CA MET B 225 10.17 -2.90 5.03
C MET B 225 8.71 -3.23 4.76
N LEU B 226 7.96 -3.49 5.82
CA LEU B 226 6.55 -3.81 5.72
C LEU B 226 5.77 -2.65 5.08
N MET B 227 6.10 -1.43 5.49
CA MET B 227 5.39 -0.24 5.02
C MET B 227 5.61 0.06 3.55
N LYS B 228 6.65 -0.54 2.96
CA LYS B 228 6.91 -0.38 1.53
C LYS B 228 5.78 -0.99 0.72
N ILE B 229 5.00 -1.87 1.36
CA ILE B 229 3.83 -2.47 0.72
C ILE B 229 2.77 -1.41 0.42
N THR B 230 2.61 -0.48 1.35
CA THR B 230 1.67 0.63 1.15
C THR B 230 1.99 1.37 -0.14
N ASP B 231 3.26 1.68 -0.34
CA ASP B 231 3.70 2.37 -1.55
C ASP B 231 3.54 1.48 -2.77
N LEU B 232 3.85 0.20 -2.60
CA LEU B 232 3.76 -0.76 -3.70
C LEU B 232 2.34 -0.84 -4.26
N ARG B 233 1.36 -0.90 -3.36
CA ARG B 233 -0.04 -1.00 -3.73
C ARG B 233 -0.49 0.16 -4.61
N SER B 234 0.00 1.37 -4.29
CA SER B 234 -0.37 2.56 -5.04
CA SER B 234 -0.37 2.56 -5.04
C SER B 234 0.18 2.51 -6.47
N ILE B 235 1.44 2.12 -6.60
CA ILE B 235 2.06 2.01 -7.91
C ILE B 235 1.37 0.91 -8.71
N SER B 236 1.00 -0.15 -8.02
CA SER B 236 0.28 -1.26 -8.65
C SER B 236 -1.10 -0.81 -9.14
N ALA B 237 -1.76 0.01 -8.33
CA ALA B 237 -3.07 0.55 -8.69
C ALA B 237 -2.95 1.36 -9.98
N LYS B 238 -1.92 2.18 -10.08
CA LYS B 238 -1.63 2.93 -11.31
C LYS B 238 -1.40 1.95 -12.46
N GLY B 239 -0.80 0.82 -12.14
CA GLY B 239 -0.50 -0.20 -13.14
C GLY B 239 -1.74 -0.75 -13.81
N ALA B 240 -2.76 -1.02 -13.01
CA ALA B 240 -4.02 -1.55 -13.54
C ALA B 240 -4.63 -0.60 -14.55
N GLU B 241 -4.43 0.70 -14.33
CA GLU B 241 -4.95 1.72 -15.23
C GLU B 241 -4.11 1.79 -16.51
N ARG B 242 -2.81 1.57 -16.38
CA ARG B 242 -1.91 1.58 -17.52
C ARG B 242 -2.22 0.44 -18.48
N VAL B 243 -2.68 -0.68 -17.93
CA VAL B 243 -3.10 -1.81 -18.74
C VAL B 243 -4.25 -1.39 -19.65
N ILE B 244 -5.13 -0.55 -19.12
CA ILE B 244 -6.29 -0.08 -19.87
C ILE B 244 -5.88 0.87 -21.00
N THR B 245 -4.97 1.78 -20.70
CA THR B 245 -4.49 2.74 -21.70
C THR B 245 -3.65 2.05 -22.77
N LEU B 246 -2.92 1.00 -22.39
CA LEU B 246 -2.14 0.23 -23.33
C LEU B 246 -3.05 -0.57 -24.26
N LYS B 247 -4.09 -1.15 -23.69
CA LYS B 247 -5.05 -1.92 -24.47
C LYS B 247 -5.67 -1.05 -25.55
N MET B 248 -5.61 0.26 -25.35
CA MET B 248 -6.11 1.21 -26.33
C MET B 248 -5.03 1.57 -27.36
N GLU B 249 -3.79 1.68 -26.89
CA GLU B 249 -2.68 2.11 -27.73
C GLU B 249 -2.14 0.99 -28.63
N ILE B 250 -2.05 -0.22 -28.09
CA ILE B 250 -1.46 -1.33 -28.83
C ILE B 250 -2.35 -1.77 -30.01
N PRO B 251 -1.70 -2.28 -31.07
CA PRO B 251 -2.39 -2.73 -32.29
C PRO B 251 -3.26 -3.96 -32.03
N GLY B 252 -2.62 -5.08 -31.71
CA GLY B 252 -3.33 -6.30 -31.42
C GLY B 252 -4.01 -6.23 -30.07
N SER B 253 -4.23 -7.39 -29.45
CA SER B 253 -4.82 -7.46 -28.13
C SER B 253 -3.78 -7.81 -27.09
N MET B 254 -4.19 -7.84 -25.82
CA MET B 254 -3.32 -8.31 -24.76
C MET B 254 -3.18 -9.82 -24.85
N PRO B 255 -1.97 -10.34 -24.58
CA PRO B 255 -1.81 -11.79 -24.52
C PRO B 255 -2.86 -12.40 -23.58
N PRO B 256 -3.45 -13.53 -23.98
CA PRO B 256 -4.54 -14.18 -23.23
C PRO B 256 -4.27 -14.26 -21.73
N LEU B 257 -3.05 -14.58 -21.34
CA LEU B 257 -2.72 -14.73 -19.93
C LEU B 257 -2.75 -13.39 -19.20
N ILE B 258 -2.23 -12.35 -19.83
CA ILE B 258 -2.28 -11.01 -19.27
C ILE B 258 -3.74 -10.64 -19.02
N GLN B 259 -4.57 -10.90 -20.03
CA GLN B 259 -5.98 -10.55 -19.99
C GLN B 259 -6.71 -11.27 -18.86
N GLU B 260 -6.49 -12.58 -18.77
CA GLU B 260 -7.10 -13.37 -17.69
C GLU B 260 -6.68 -12.85 -16.33
N MET B 261 -5.52 -12.21 -16.27
CA MET B 261 -4.91 -11.84 -15.01
C MET B 261 -5.29 -10.44 -14.52
N LEU B 262 -5.38 -9.50 -15.45
CA LEU B 262 -5.59 -8.10 -15.08
C LEU B 262 -6.88 -7.52 -15.64
N GLU B 263 -7.81 -8.39 -16.01
CA GLU B 263 -9.08 -7.95 -16.58
C GLU B 263 -10.23 -8.86 -16.18
N LYS C 1 -13.99 -17.26 -17.00
CA LYS C 1 -12.97 -17.68 -17.94
C LYS C 1 -11.79 -18.32 -17.23
N HIS C 2 -10.64 -17.67 -17.32
CA HIS C 2 -9.40 -18.15 -16.68
C HIS C 2 -9.00 -19.55 -17.15
N LYS C 3 -9.20 -19.82 -18.44
CA LYS C 3 -8.85 -21.12 -19.00
C LYS C 3 -7.40 -21.47 -18.70
N ILE C 4 -6.49 -20.64 -19.18
CA ILE C 4 -5.06 -20.85 -18.95
C ILE C 4 -4.74 -20.90 -17.47
N LEU C 5 -5.30 -19.97 -16.71
CA LEU C 5 -5.06 -19.89 -15.27
C LEU C 5 -5.41 -21.21 -14.58
N HIS C 6 -6.55 -21.77 -14.94
CA HIS C 6 -6.98 -23.06 -14.37
C HIS C 6 -5.99 -24.17 -14.70
N ARG C 7 -5.47 -24.18 -15.92
CA ARG C 7 -4.47 -25.15 -16.31
C ARG C 7 -3.24 -25.08 -15.40
N LEU C 8 -2.72 -23.87 -15.22
CA LEU C 8 -1.55 -23.65 -14.39
C LEU C 8 -1.78 -24.06 -12.94
N LEU C 9 -3.03 -23.95 -12.49
CA LEU C 9 -3.36 -24.21 -11.09
C LEU C 9 -3.71 -25.67 -10.82
N GLN C 10 -4.09 -26.41 -11.86
CA GLN C 10 -4.52 -27.79 -11.70
C GLN C 10 -3.36 -28.78 -11.66
N ASP C 11 -2.21 -28.35 -12.18
CA ASP C 11 -1.02 -29.21 -12.29
C ASP C 11 -0.90 -30.19 -11.13
#